data_5T13
#
_entry.id   5T13
#
_cell.length_a   67.591
_cell.length_b   90.686
_cell.length_c   120.075
_cell.angle_alpha   90.00
_cell.angle_beta   90.00
_cell.angle_gamma   90.00
#
_symmetry.space_group_name_H-M   'I 2 2 2'
#
loop_
_entity.id
_entity.type
_entity.pdbx_description
1 polymer 'Cyanuric acid amidohydrolase'
2 non-polymer 'CARBON DIOXIDE'
3 non-polymer 'MAGNESIUM ION'
4 water water
#
_entity_poly.entity_id   1
_entity_poly.type   'polypeptide(L)'
_entity_poly.pdbx_seq_one_letter_code
;HHHHHHMQAQVFRVPMSNPADVSGVAKLIDEGVIRAEEVVCVLGKTEGNGCVNDFTRGYTTLAFKVYFSEKLGVSRQEVG
ERIAFIMSGGTEGVMAPHCTIFTVQKTDNKQKTAAEGKRLAVQQIFTREFLPEEIGRMPQVTETADAVRRAMREAGIADA
SDVHFVQVKCPLLTAGRMHDAVERGHTVATEDTYESMGYSRGASALGIALALGEVEKANLSDEVITADYSLYSSVASTSA
GIELMNNEIIVMGNSRAWGGDLVIGHAEMKDAIDGAAVRQALRDVGCCENDLPTVDELGRVVNVFAKAEASPDGEVRNRR
HTMLDDSDINSTRHARAVVNAVIASIVGDPMVYVSGGSEHQGPAGGGPVAVIARTA
;
_entity_poly.pdbx_strand_id   A
#
# COMPACT_ATOMS: atom_id res chain seq x y z
N HIS A 1 -0.25 36.01 -14.24
CA HIS A 1 -1.43 35.08 -14.19
C HIS A 1 -0.96 33.72 -13.67
N HIS A 2 -1.54 33.31 -12.54
CA HIS A 2 -0.99 32.21 -11.77
C HIS A 2 -1.01 30.92 -12.58
N HIS A 3 -0.19 29.95 -12.18
CA HIS A 3 -0.32 28.60 -12.69
C HIS A 3 -1.58 27.95 -12.13
N HIS A 4 -2.01 26.86 -12.76
CA HIS A 4 -3.36 26.35 -12.55
C HIS A 4 -3.38 24.83 -12.47
N HIS A 5 -4.39 24.28 -11.81
CA HIS A 5 -4.52 22.83 -11.66
C HIS A 5 -5.97 22.38 -11.75
N HIS A 6 -6.17 21.28 -12.46
CA HIS A 6 -7.45 20.59 -12.47
C HIS A 6 -7.59 19.56 -11.35
N MET A 7 -6.48 19.08 -10.79
CA MET A 7 -6.48 17.92 -9.91
C MET A 7 -5.82 18.27 -8.58
N GLN A 8 -6.41 17.75 -7.51
CA GLN A 8 -5.82 17.92 -6.19
C GLN A 8 -6.11 16.72 -5.27
N ALA A 9 -5.08 16.17 -4.64
CA ALA A 9 -5.22 15.06 -3.71
C ALA A 9 -5.32 15.54 -2.27
N GLN A 10 -6.21 14.91 -1.49
CA GLN A 10 -6.24 15.05 -0.04
C GLN A 10 -6.09 13.69 0.62
N VAL A 11 -5.51 13.70 1.82
CA VAL A 11 -5.22 12.50 2.59
C VAL A 11 -5.55 12.77 4.05
N PHE A 12 -6.20 11.82 4.71
CA PHE A 12 -6.65 11.99 6.09
C PHE A 12 -6.37 10.70 6.84
N ARG A 13 -5.58 10.78 7.90
CA ARG A 13 -5.30 9.67 8.79
C ARG A 13 -6.30 9.67 9.93
N VAL A 14 -7.15 8.63 9.98
CA VAL A 14 -8.31 8.57 10.84
C VAL A 14 -8.17 7.45 11.87
N PRO A 15 -8.14 7.76 13.17
CA PRO A 15 -8.16 6.67 14.17
C PRO A 15 -9.42 5.81 14.05
N MET A 16 -9.26 4.53 14.41
CA MET A 16 -10.38 3.60 14.45
C MET A 16 -10.32 2.89 15.79
N SER A 17 -11.47 2.82 16.45
CA SER A 17 -11.56 2.18 17.76
C SER A 17 -11.74 0.67 17.67
N ASN A 18 -12.18 0.17 16.52
CA ASN A 18 -12.30 -1.27 16.27
C ASN A 18 -12.53 -1.45 14.77
N PRO A 19 -12.57 -2.68 14.23
CA PRO A 19 -12.62 -2.82 12.76
C PRO A 19 -13.85 -2.17 12.09
N ALA A 20 -14.97 -2.03 12.79
CA ALA A 20 -16.19 -1.48 12.20
C ALA A 20 -16.37 0.01 12.42
N ASP A 21 -15.41 0.69 13.02
CA ASP A 21 -15.57 2.08 13.43
C ASP A 21 -15.34 3.02 12.25
N VAL A 22 -16.43 3.39 11.57
CA VAL A 22 -16.39 4.35 10.46
C VAL A 22 -16.64 5.78 10.90
N SER A 23 -16.67 6.04 12.20
CA SER A 23 -17.18 7.31 12.69
C SER A 23 -16.21 8.45 12.46
N GLY A 24 -14.90 8.20 12.53
CA GLY A 24 -13.96 9.25 12.21
C GLY A 24 -14.09 9.71 10.77
N VAL A 25 -14.49 8.80 9.87
CA VAL A 25 -14.68 9.17 8.49
C VAL A 25 -16.01 9.89 8.32
N ALA A 26 -17.07 9.36 8.95
CA ALA A 26 -18.36 10.02 8.93
C ALA A 26 -18.27 11.44 9.47
N LYS A 27 -17.48 11.65 10.53
CA LYS A 27 -17.30 12.98 11.07
C LYS A 27 -16.72 13.92 10.01
N LEU A 28 -15.66 13.50 9.33
CA LEU A 28 -15.05 14.37 8.33
C LEU A 28 -16.01 14.65 7.16
N ILE A 29 -16.86 13.70 6.79
CA ILE A 29 -17.85 13.95 5.73
C ILE A 29 -18.97 14.85 6.26
N ASP A 30 -19.50 14.53 7.44
CA ASP A 30 -20.52 15.37 8.07
C ASP A 30 -20.07 16.82 8.19
N GLU A 31 -18.79 17.04 8.45
CA GLU A 31 -18.24 18.37 8.64
C GLU A 31 -17.83 19.01 7.32
N GLY A 32 -17.98 18.28 6.21
CA GLY A 32 -17.57 18.75 4.91
C GLY A 32 -16.08 18.88 4.69
N VAL A 33 -15.25 18.19 5.47
CA VAL A 33 -13.82 18.20 5.19
C VAL A 33 -13.52 17.35 3.96
N ILE A 34 -14.23 16.25 3.77
CA ILE A 34 -14.13 15.52 2.52
C ILE A 34 -15.53 15.31 1.99
N ARG A 35 -15.59 15.07 0.69
CA ARG A 35 -16.81 14.74 -0.02
C ARG A 35 -16.79 13.26 -0.35
N ALA A 36 -17.84 12.54 0.08
CA ALA A 36 -17.87 11.09 -0.12
C ALA A 36 -17.62 10.72 -1.56
N GLU A 37 -18.04 11.58 -2.50
CA GLU A 37 -17.98 11.26 -3.91
C GLU A 37 -16.55 11.31 -4.44
N GLU A 38 -15.65 11.94 -3.69
CA GLU A 38 -14.27 12.13 -4.15
C GLU A 38 -13.29 11.18 -3.49
N VAL A 39 -13.76 10.32 -2.57
CA VAL A 39 -12.92 9.28 -1.98
C VAL A 39 -12.60 8.24 -3.04
N VAL A 40 -11.32 7.88 -3.16
CA VAL A 40 -10.94 6.82 -4.10
C VAL A 40 -10.34 5.60 -3.42
N CYS A 41 -9.88 5.72 -2.17
CA CYS A 41 -9.23 4.61 -1.50
C CYS A 41 -9.36 4.80 0.00
N VAL A 42 -9.69 3.71 0.68
CA VAL A 42 -9.60 3.61 2.12
C VAL A 42 -8.51 2.57 2.40
N LEU A 43 -7.40 3.01 2.98
CA LEU A 43 -6.27 2.14 3.27
C LEU A 43 -6.24 1.88 4.80
N GLY A 44 -6.63 0.67 5.22
CA GLY A 44 -6.77 0.36 6.63
C GLY A 44 -5.62 -0.42 7.26
N LYS A 45 -5.39 -0.16 8.56
CA LYS A 45 -4.65 -1.04 9.45
C LYS A 45 -5.66 -1.60 10.45
N THR A 46 -6.09 -2.84 10.21
CA THR A 46 -7.11 -3.52 11.00
C THR A 46 -6.45 -4.52 11.94
N GLU A 47 -7.02 -4.67 13.14
CA GLU A 47 -6.29 -5.25 14.26
C GLU A 47 -6.44 -6.77 14.38
N GLY A 48 -6.74 -7.46 13.29
CA GLY A 48 -6.65 -8.91 13.25
C GLY A 48 -5.20 -9.34 13.18
N ASN A 49 -4.98 -10.65 13.03
CA ASN A 49 -3.62 -11.20 13.08
C ASN A 49 -2.83 -10.99 11.79
N GLY A 50 -3.44 -10.37 10.79
CA GLY A 50 -2.74 -10.01 9.60
C GLY A 50 -2.27 -11.17 8.74
N CYS A 51 -2.70 -12.40 9.02
CA CYS A 51 -2.24 -13.56 8.25
C CYS A 51 -3.41 -14.17 7.49
N VAL A 52 -3.58 -15.50 7.50
CA VAL A 52 -4.63 -16.09 6.66
C VAL A 52 -6.02 -15.86 7.26
N ASN A 53 -6.21 -16.26 8.50
CA ASN A 53 -7.51 -16.17 9.14
C ASN A 53 -7.63 -14.84 9.89
N ASP A 54 -7.46 -13.75 9.14
CA ASP A 54 -7.70 -12.41 9.64
C ASP A 54 -8.98 -11.92 8.99
N PHE A 55 -10.06 -11.93 9.76
CA PHE A 55 -11.38 -11.54 9.25
C PHE A 55 -11.69 -10.07 9.47
N THR A 56 -10.82 -9.33 10.16
CA THR A 56 -11.09 -7.91 10.33
C THR A 56 -10.94 -7.16 9.01
N ARG A 57 -10.09 -7.67 8.10
CA ARG A 57 -9.97 -7.06 6.77
C ARG A 57 -11.33 -7.00 6.07
N GLY A 58 -12.00 -8.15 5.94
CA GLY A 58 -13.32 -8.17 5.30
C GLY A 58 -14.39 -7.47 6.12
N TYR A 59 -14.31 -7.60 7.45
CA TYR A 59 -15.22 -6.89 8.33
C TYR A 59 -15.14 -5.39 8.08
N THR A 60 -13.93 -4.83 8.13
CA THR A 60 -13.77 -3.39 7.94
C THR A 60 -14.25 -3.00 6.54
N THR A 61 -13.87 -3.77 5.53
CA THR A 61 -14.34 -3.53 4.17
C THR A 61 -15.87 -3.48 4.14
N LEU A 62 -16.52 -4.50 4.69
CA LEU A 62 -17.99 -4.52 4.73
C LEU A 62 -18.54 -3.30 5.46
N ALA A 63 -17.91 -2.90 6.55
CA ALA A 63 -18.44 -1.80 7.33
C ALA A 63 -18.38 -0.50 6.55
N PHE A 64 -17.30 -0.32 5.78
CA PHE A 64 -17.17 0.87 4.97
C PHE A 64 -18.05 0.86 3.73
N LYS A 65 -18.27 -0.31 3.14
CA LYS A 65 -19.18 -0.39 2.01
C LYS A 65 -20.59 -0.02 2.43
N VAL A 66 -21.00 -0.47 3.61
CA VAL A 66 -22.32 -0.12 4.12
C VAL A 66 -22.43 1.38 4.32
N TYR A 67 -21.42 1.99 4.94
CA TYR A 67 -21.48 3.43 5.19
C TYR A 67 -21.52 4.20 3.88
N PHE A 68 -20.58 3.91 2.97
CA PHE A 68 -20.47 4.69 1.74
C PHE A 68 -21.63 4.41 0.80
N SER A 69 -22.05 3.16 0.65
CA SER A 69 -23.20 2.89 -0.20
C SER A 69 -24.41 3.70 0.26
N GLU A 70 -24.60 3.84 1.57
CA GLU A 70 -25.77 4.53 2.08
C GLU A 70 -25.57 6.03 2.04
N LYS A 71 -24.33 6.48 2.21
CA LYS A 71 -24.01 7.90 2.06
C LYS A 71 -24.11 8.33 0.60
N LEU A 72 -23.70 7.49 -0.33
CA LEU A 72 -23.72 7.84 -1.74
C LEU A 72 -25.01 7.41 -2.44
N GLY A 73 -25.88 6.68 -1.77
CA GLY A 73 -27.08 6.20 -2.43
C GLY A 73 -26.81 5.29 -3.61
N VAL A 74 -25.80 4.43 -3.51
CA VAL A 74 -25.53 3.41 -4.51
C VAL A 74 -25.49 2.04 -3.82
N SER A 75 -25.38 0.99 -4.63
CA SER A 75 -25.28 -0.36 -4.07
C SER A 75 -23.87 -0.63 -3.56
N ARG A 76 -23.75 -1.68 -2.77
CA ARG A 76 -22.44 -2.04 -2.24
C ARG A 76 -21.49 -2.49 -3.36
N GLN A 77 -22.04 -3.10 -4.41
CA GLN A 77 -21.21 -3.48 -5.54
C GLN A 77 -20.65 -2.25 -6.25
N GLU A 78 -21.49 -1.25 -6.49
CA GLU A 78 -21.02 -0.03 -7.16
C GLU A 78 -19.96 0.68 -6.32
N VAL A 79 -20.24 0.86 -5.03
CA VAL A 79 -19.23 1.52 -4.20
C VAL A 79 -17.93 0.72 -4.25
N GLY A 80 -18.02 -0.62 -4.32
CA GLY A 80 -16.82 -1.42 -4.38
C GLY A 80 -16.09 -1.27 -5.69
N GLU A 81 -16.82 -0.92 -6.74
CA GLU A 81 -16.21 -0.67 -8.05
C GLU A 81 -15.71 0.76 -8.16
N ARG A 82 -16.01 1.59 -7.18
CA ARG A 82 -15.69 3.00 -7.19
C ARG A 82 -14.56 3.36 -6.22
N ILE A 83 -14.45 2.65 -5.11
CA ILE A 83 -13.43 2.89 -4.09
C ILE A 83 -12.62 1.63 -3.88
N ALA A 84 -11.29 1.77 -3.79
CA ALA A 84 -10.46 0.63 -3.42
C ALA A 84 -10.38 0.54 -1.90
N PHE A 85 -10.85 -0.58 -1.35
CA PHE A 85 -10.84 -0.81 0.10
C PHE A 85 -9.68 -1.75 0.37
N ILE A 86 -8.56 -1.20 0.82
CA ILE A 86 -7.31 -1.92 0.93
C ILE A 86 -7.01 -2.05 2.42
N MET A 87 -7.28 -3.23 2.98
CA MET A 87 -7.20 -3.46 4.42
C MET A 87 -6.01 -4.37 4.75
N SER A 88 -5.00 -3.80 5.39
CA SER A 88 -3.82 -4.53 5.83
C SER A 88 -3.98 -4.91 7.29
N GLY A 89 -4.04 -6.22 7.58
CA GLY A 89 -4.23 -6.67 8.93
C GLY A 89 -2.94 -6.68 9.73
N GLY A 90 -3.10 -6.81 11.04
CA GLY A 90 -1.97 -6.92 11.93
C GLY A 90 -1.53 -5.56 12.45
N THR A 91 -1.86 -5.27 13.71
CA THR A 91 -1.51 -4.00 14.36
C THR A 91 -0.70 -4.36 15.60
N GLU A 92 0.44 -5.02 15.39
CA GLU A 92 1.25 -5.53 16.49
C GLU A 92 2.10 -4.42 17.11
N GLY A 93 2.66 -4.73 18.27
CA GLY A 93 3.46 -3.73 18.97
C GLY A 93 2.60 -2.55 19.33
N VAL A 94 3.14 -1.34 19.12
CA VAL A 94 2.39 -0.14 19.45
C VAL A 94 1.52 0.35 18.30
N MET A 95 1.43 -0.42 17.20
CA MET A 95 0.84 0.09 15.97
C MET A 95 -0.65 0.36 16.18
N ALA A 96 -1.09 1.58 15.88
CA ALA A 96 -2.43 2.00 16.25
C ALA A 96 -3.39 1.79 15.11
N PRO A 97 -4.46 1.01 15.29
CA PRO A 97 -5.43 0.82 14.21
C PRO A 97 -5.98 2.15 13.71
N HIS A 98 -6.17 2.22 12.39
CA HIS A 98 -6.55 3.47 11.74
C HIS A 98 -6.81 3.17 10.29
N CYS A 99 -7.33 4.17 9.59
CA CYS A 99 -7.43 4.10 8.15
C CYS A 99 -6.94 5.42 7.60
N THR A 100 -6.46 5.39 6.36
CA THR A 100 -6.12 6.60 5.61
C THR A 100 -7.11 6.74 4.45
N ILE A 101 -7.75 7.90 4.37
CA ILE A 101 -8.70 8.22 3.32
C ILE A 101 -7.98 9.03 2.26
N PHE A 102 -8.07 8.58 1.02
CA PHE A 102 -7.54 9.32 -0.12
C PHE A 102 -8.70 9.88 -0.93
N THR A 103 -8.62 11.16 -1.27
CA THR A 103 -9.61 11.82 -2.12
C THR A 103 -8.92 12.48 -3.31
N VAL A 104 -9.64 12.53 -4.43
CA VAL A 104 -9.22 13.26 -5.61
C VAL A 104 -10.31 14.27 -5.92
N GLN A 105 -9.93 15.54 -5.96
CA GLN A 105 -10.81 16.64 -6.31
C GLN A 105 -10.50 17.05 -7.74
N LYS A 106 -11.46 16.81 -8.63
CA LYS A 106 -11.38 17.22 -10.02
C LYS A 106 -12.23 18.46 -10.21
N THR A 107 -11.65 19.50 -10.80
CA THR A 107 -12.35 20.73 -11.09
C THR A 107 -12.33 20.96 -12.60
N ASP A 108 -13.51 21.20 -13.19
CA ASP A 108 -13.58 21.40 -14.64
C ASP A 108 -12.80 22.65 -15.06
N ASN A 109 -12.97 23.75 -14.33
CA ASN A 109 -12.11 24.91 -14.45
C ASN A 109 -10.96 24.82 -13.45
N LYS A 110 -9.76 25.11 -13.92
CA LYS A 110 -8.59 24.99 -13.06
C LYS A 110 -8.71 25.92 -11.87
N GLN A 111 -8.10 25.51 -10.76
CA GLN A 111 -7.93 26.36 -9.58
C GLN A 111 -6.46 26.75 -9.46
N LYS A 112 -6.20 28.01 -9.12
CA LYS A 112 -4.84 28.53 -9.17
C LYS A 112 -3.95 27.88 -8.10
N THR A 113 -2.69 27.66 -8.46
CA THR A 113 -1.70 27.12 -7.55
C THR A 113 -0.77 28.23 -7.09
N ALA A 114 -0.23 28.05 -5.88
CA ALA A 114 0.63 29.04 -5.25
C ALA A 114 2.12 28.72 -5.41
N ALA A 115 2.47 27.45 -5.29
CA ALA A 115 3.85 27.02 -5.51
C ALA A 115 3.92 26.25 -6.81
N GLU A 116 5.09 26.30 -7.44
CA GLU A 116 5.25 25.75 -8.77
C GLU A 116 5.59 24.26 -8.75
N GLY A 117 6.01 23.71 -7.62
CA GLY A 117 6.51 22.35 -7.58
C GLY A 117 5.50 21.27 -7.95
N LYS A 118 5.97 20.04 -8.03
CA LYS A 118 5.05 18.93 -8.19
C LYS A 118 4.33 18.69 -6.86
N ARG A 119 3.12 18.14 -6.96
CA ARG A 119 2.27 17.83 -5.82
C ARG A 119 1.72 16.41 -5.95
N LEU A 120 1.23 15.89 -4.83
CA LEU A 120 0.77 14.51 -4.73
C LEU A 120 -0.26 14.23 -5.80
N ALA A 121 0.00 13.21 -6.62
CA ALA A 121 -0.99 12.63 -7.50
C ALA A 121 -1.24 11.20 -7.07
N VAL A 122 -2.50 10.80 -7.08
CA VAL A 122 -2.87 9.43 -6.79
C VAL A 122 -3.93 9.01 -7.78
N GLN A 123 -3.89 7.75 -8.19
CA GLN A 123 -4.79 7.25 -9.21
C GLN A 123 -5.10 5.80 -8.88
N GLN A 124 -6.39 5.49 -8.63
CA GLN A 124 -6.82 4.12 -8.42
CA GLN A 124 -6.79 4.11 -8.41
C GLN A 124 -7.13 3.45 -9.74
N ILE A 125 -6.89 2.13 -9.78
CA ILE A 125 -7.15 1.32 -10.97
C ILE A 125 -7.28 -0.12 -10.51
N PHE A 126 -8.18 -0.86 -11.15
CA PHE A 126 -8.40 -2.29 -10.87
C PHE A 126 -7.99 -3.09 -12.09
N THR A 127 -7.40 -4.28 -11.86
CA THR A 127 -7.12 -5.19 -12.94
C THR A 127 -8.36 -6.01 -13.24
N ARG A 128 -8.27 -6.83 -14.28
CA ARG A 128 -9.22 -7.90 -14.48
C ARG A 128 -9.14 -8.95 -13.38
N GLU A 129 -10.22 -9.68 -13.25
CA GLU A 129 -10.25 -10.89 -12.44
C GLU A 129 -9.19 -11.88 -12.91
N PHE A 130 -8.49 -12.47 -11.94
CA PHE A 130 -7.59 -13.58 -12.20
C PHE A 130 -8.27 -14.90 -11.88
N LEU A 131 -7.88 -15.92 -12.65
CA LEU A 131 -8.16 -17.28 -12.26
C LEU A 131 -7.13 -17.71 -11.23
N PRO A 132 -7.47 -18.70 -10.40
CA PRO A 132 -6.54 -19.06 -9.33
C PRO A 132 -5.20 -19.54 -9.84
N GLU A 133 -5.16 -20.20 -11.00
CA GLU A 133 -3.92 -20.68 -11.61
C GLU A 133 -3.05 -19.55 -12.15
N GLU A 134 -3.56 -18.31 -12.16
CA GLU A 134 -2.77 -17.15 -12.54
C GLU A 134 -2.12 -16.46 -11.34
N ILE A 135 -2.60 -16.74 -10.13
CA ILE A 135 -2.09 -16.07 -8.95
C ILE A 135 -0.66 -16.49 -8.70
N GLY A 136 0.18 -15.51 -8.37
CA GLY A 136 1.57 -15.80 -8.11
C GLY A 136 2.38 -16.06 -9.37
N ARG A 137 1.84 -15.77 -10.56
CA ARG A 137 2.49 -16.11 -11.82
C ARG A 137 2.46 -14.92 -12.77
N MET A 138 3.06 -15.11 -13.95
CA MET A 138 3.30 -14.00 -14.87
C MET A 138 2.05 -13.28 -15.33
N PRO A 139 0.86 -13.89 -15.41
CA PRO A 139 -0.30 -13.09 -15.79
C PRO A 139 -0.70 -12.08 -14.71
N GLN A 140 -0.51 -12.39 -13.42
CA GLN A 140 -0.65 -11.35 -12.39
C GLN A 140 0.44 -10.28 -12.53
N VAL A 141 1.65 -10.67 -12.90
CA VAL A 141 2.73 -9.70 -13.05
C VAL A 141 2.37 -8.68 -14.13
N THR A 142 2.07 -9.18 -15.33
CA THR A 142 1.95 -8.32 -16.50
C THR A 142 0.64 -7.51 -16.47
N GLU A 143 -0.46 -8.10 -15.97
CA GLU A 143 -1.69 -7.32 -15.82
C GLU A 143 -1.49 -6.16 -14.84
N THR A 144 -0.82 -6.44 -13.71
CA THR A 144 -0.51 -5.39 -12.75
C THR A 144 0.33 -4.30 -13.41
N ALA A 145 1.43 -4.70 -14.07
CA ALA A 145 2.27 -3.76 -14.80
C ALA A 145 1.45 -2.87 -15.76
N ASP A 146 0.55 -3.50 -16.53
CA ASP A 146 -0.28 -2.75 -17.47
C ASP A 146 -1.12 -1.72 -16.74
N ALA A 147 -1.75 -2.15 -15.65
CA ALA A 147 -2.56 -1.26 -14.81
C ALA A 147 -1.73 -0.14 -14.20
N VAL A 148 -0.50 -0.42 -13.80
CA VAL A 148 0.33 0.60 -13.18
C VAL A 148 0.74 1.64 -14.21
N ARG A 149 1.20 1.20 -15.39
CA ARG A 149 1.54 2.12 -16.46
C ARG A 149 0.34 2.99 -16.81
N ARG A 150 -0.85 2.40 -16.85
CA ARG A 150 -2.02 3.17 -17.21
C ARG A 150 -2.35 4.20 -16.13
N ALA A 151 -2.41 3.77 -14.85
CA ALA A 151 -2.70 4.69 -13.77
C ALA A 151 -1.71 5.86 -13.76
N MET A 152 -0.43 5.58 -13.98
CA MET A 152 0.57 6.64 -14.03
C MET A 152 0.20 7.69 -15.07
N ARG A 153 -0.11 7.21 -16.27
CA ARG A 153 -0.36 8.10 -17.37
C ARG A 153 -1.59 8.95 -17.09
N GLU A 154 -2.67 8.31 -16.66
CA GLU A 154 -3.93 8.99 -16.42
C GLU A 154 -3.80 10.00 -15.28
N ALA A 155 -2.93 9.72 -14.32
CA ALA A 155 -2.61 10.67 -13.26
C ALA A 155 -1.69 11.79 -13.72
N GLY A 156 -1.11 11.69 -14.90
CA GLY A 156 -0.16 12.72 -15.28
C GLY A 156 1.11 12.69 -14.49
N ILE A 157 1.51 11.52 -14.04
CA ILE A 157 2.83 11.36 -13.43
C ILE A 157 3.82 11.12 -14.57
N ALA A 158 4.80 12.02 -14.68
CA ALA A 158 5.67 12.13 -15.85
C ALA A 158 6.44 10.84 -16.12
N ASP A 159 7.07 10.27 -15.10
CA ASP A 159 7.84 9.05 -15.29
C ASP A 159 8.04 8.37 -13.94
N ALA A 160 8.63 7.18 -14.02
CA ALA A 160 8.78 6.32 -12.85
C ALA A 160 9.53 7.00 -11.71
N SER A 161 10.44 7.93 -12.02
CA SER A 161 11.16 8.60 -10.94
C SER A 161 10.22 9.46 -10.08
N ASP A 162 9.04 9.83 -10.58
CA ASP A 162 8.06 10.58 -9.79
C ASP A 162 7.02 9.69 -9.09
N VAL A 163 7.16 8.37 -9.16
CA VAL A 163 6.32 7.43 -8.42
C VAL A 163 7.03 7.07 -7.13
N HIS A 164 6.37 7.22 -5.99
CA HIS A 164 6.99 6.96 -4.70
C HIS A 164 6.30 5.85 -3.89
N PHE A 165 5.14 5.36 -4.33
CA PHE A 165 4.46 4.29 -3.59
C PHE A 165 3.29 3.76 -4.40
N VAL A 166 3.29 2.45 -4.63
CA VAL A 166 2.22 1.75 -5.33
C VAL A 166 1.67 0.70 -4.41
N GLN A 167 0.44 0.92 -3.96
CA GLN A 167 -0.24 0.07 -2.99
C GLN A 167 -1.21 -0.83 -3.75
N VAL A 168 -1.12 -2.12 -3.49
CA VAL A 168 -1.97 -3.13 -4.11
C VAL A 168 -2.69 -3.94 -3.04
N LYS A 169 -3.97 -4.24 -3.31
CA LYS A 169 -4.70 -5.29 -2.62
C LYS A 169 -4.78 -6.45 -3.61
N CYS A 170 -4.23 -7.61 -3.23
CA CYS A 170 -4.16 -8.70 -4.17
C CYS A 170 -4.79 -9.95 -3.55
N PRO A 171 -5.14 -10.94 -4.38
CA PRO A 171 -5.89 -12.10 -3.87
C PRO A 171 -4.97 -13.07 -3.13
N LEU A 172 -5.60 -14.09 -2.55
CA LEU A 172 -4.88 -15.26 -2.06
C LEU A 172 -5.64 -16.50 -2.49
N LEU A 173 -5.02 -17.64 -2.34
CA LEU A 173 -5.58 -18.88 -2.82
C LEU A 173 -6.17 -19.60 -1.62
N THR A 174 -7.49 -19.64 -1.56
CA THR A 174 -8.18 -20.51 -0.62
C THR A 174 -8.13 -21.95 -1.11
N ALA A 175 -8.49 -22.88 -0.22
CA ALA A 175 -8.53 -24.29 -0.63
C ALA A 175 -9.55 -24.49 -1.74
N GLY A 176 -10.70 -23.83 -1.65
CA GLY A 176 -11.68 -23.92 -2.73
C GLY A 176 -11.16 -23.43 -4.08
N ARG A 177 -10.45 -22.30 -4.10
CA ARG A 177 -9.97 -21.80 -5.38
C ARG A 177 -8.95 -22.75 -5.98
N MET A 178 -8.13 -23.36 -5.12
CA MET A 178 -7.16 -24.35 -5.57
C MET A 178 -7.88 -25.51 -6.23
N HIS A 179 -8.94 -26.02 -5.59
CA HIS A 179 -9.69 -27.15 -6.15
C HIS A 179 -10.27 -26.78 -7.49
N ASP A 180 -10.86 -25.58 -7.58
CA ASP A 180 -11.38 -25.08 -8.84
C ASP A 180 -10.34 -25.21 -9.94
N ALA A 181 -9.12 -24.71 -9.69
CA ALA A 181 -8.03 -24.74 -10.66
C ALA A 181 -7.71 -26.16 -11.10
N VAL A 182 -7.53 -27.08 -10.13
CA VAL A 182 -7.26 -28.50 -10.42
C VAL A 182 -8.41 -29.11 -11.22
N GLU A 183 -9.63 -28.96 -10.73
CA GLU A 183 -10.77 -29.54 -11.44
C GLU A 183 -10.83 -29.06 -12.88
N ARG A 184 -10.33 -27.86 -13.19
CA ARG A 184 -10.31 -27.39 -14.57
C ARG A 184 -9.04 -27.80 -15.34
N GLY A 185 -8.17 -28.63 -14.76
CA GLY A 185 -7.00 -29.11 -15.48
C GLY A 185 -5.74 -28.28 -15.31
N HIS A 186 -5.67 -27.43 -14.30
CA HIS A 186 -4.53 -26.56 -14.08
C HIS A 186 -3.90 -26.81 -12.72
N THR A 187 -2.71 -26.27 -12.54
CA THR A 187 -2.06 -26.29 -11.24
CA THR A 187 -1.97 -26.27 -11.28
C THR A 187 -2.04 -24.88 -10.66
N VAL A 188 -1.66 -24.79 -9.39
CA VAL A 188 -1.51 -23.53 -8.70
C VAL A 188 -0.05 -23.40 -8.28
N ALA A 189 0.38 -22.14 -8.05
CA ALA A 189 1.78 -21.86 -7.72
C ALA A 189 2.18 -22.43 -6.37
N THR A 190 1.21 -22.73 -5.51
CA THR A 190 1.48 -23.34 -4.22
C THR A 190 0.17 -23.88 -3.68
N GLU A 191 0.25 -24.89 -2.84
CA GLU A 191 -0.96 -25.50 -2.33
C GLU A 191 -1.21 -25.11 -0.88
N ASP A 192 -0.37 -24.23 -0.32
CA ASP A 192 -0.58 -23.66 1.01
C ASP A 192 -1.12 -22.24 0.89
N THR A 193 -2.19 -21.96 1.64
CA THR A 193 -2.81 -20.64 1.52
C THR A 193 -1.90 -19.53 2.02
N TYR A 194 -1.28 -19.72 3.19
CA TYR A 194 -0.40 -18.69 3.72
C TYR A 194 0.75 -18.40 2.76
N GLU A 195 1.36 -19.46 2.21
CA GLU A 195 2.39 -19.25 1.21
C GLU A 195 1.83 -18.53 -0.02
N SER A 196 0.59 -18.83 -0.39
CA SER A 196 0.02 -18.15 -1.55
C SER A 196 -0.05 -16.62 -1.36
N MET A 197 -0.10 -16.14 -0.12
CA MET A 197 -0.12 -14.70 0.10
C MET A 197 1.19 -14.04 -0.35
N GLY A 198 2.33 -14.67 -0.03
CA GLY A 198 3.62 -14.20 -0.54
C GLY A 198 3.73 -14.29 -2.04
N TYR A 199 3.20 -15.37 -2.64
CA TYR A 199 3.21 -15.47 -4.09
C TYR A 199 2.38 -14.36 -4.72
N SER A 200 1.18 -14.13 -4.20
CA SER A 200 0.36 -13.05 -4.73
C SER A 200 1.02 -11.68 -4.50
N ARG A 201 1.53 -11.43 -3.29
CA ARG A 201 2.24 -10.17 -3.04
C ARG A 201 3.46 -10.02 -3.95
N GLY A 202 4.20 -11.11 -4.14
CA GLY A 202 5.44 -11.05 -4.91
C GLY A 202 5.19 -10.74 -6.37
N ALA A 203 4.25 -11.48 -6.99
CA ALA A 203 3.91 -11.27 -8.40
C ALA A 203 3.41 -9.86 -8.65
N SER A 204 2.48 -9.39 -7.81
CA SER A 204 2.01 -8.01 -7.87
C SER A 204 3.17 -7.01 -7.76
N ALA A 205 4.10 -7.23 -6.82
CA ALA A 205 5.25 -6.32 -6.68
C ALA A 205 6.14 -6.29 -7.91
N LEU A 206 6.37 -7.46 -8.56
CA LEU A 206 7.18 -7.49 -9.77
C LEU A 206 6.46 -6.84 -10.95
N GLY A 207 5.12 -6.94 -11.01
CA GLY A 207 4.40 -6.13 -11.97
C GLY A 207 4.72 -4.66 -11.82
N ILE A 208 4.82 -4.19 -10.59
CA ILE A 208 5.09 -2.78 -10.35
C ILE A 208 6.50 -2.47 -10.81
N ALA A 209 7.44 -3.34 -10.44
CA ALA A 209 8.82 -3.19 -10.87
C ALA A 209 8.91 -3.19 -12.39
N LEU A 210 8.20 -4.13 -13.04
CA LEU A 210 8.17 -4.16 -14.50
C LEU A 210 7.65 -2.83 -15.05
N ALA A 211 6.56 -2.33 -14.46
CA ALA A 211 5.92 -1.13 -15.01
C ALA A 211 6.82 0.08 -14.92
N LEU A 212 7.59 0.18 -13.84
CA LEU A 212 8.47 1.30 -13.58
C LEU A 212 9.88 1.07 -14.07
N GLY A 213 10.10 0.06 -14.91
CA GLY A 213 11.44 -0.19 -15.41
C GLY A 213 12.47 -0.61 -14.39
N GLU A 214 12.06 -1.15 -13.24
CA GLU A 214 13.02 -1.55 -12.22
C GLU A 214 13.55 -2.96 -12.42
N VAL A 215 12.86 -3.79 -13.22
CA VAL A 215 13.35 -5.10 -13.63
C VAL A 215 13.08 -5.22 -15.13
N GLU A 216 13.85 -6.08 -15.81
CA GLU A 216 13.64 -6.39 -17.22
C GLU A 216 12.63 -7.52 -17.39
N LYS A 217 11.73 -7.39 -18.37
CA LYS A 217 10.80 -8.48 -18.63
C LYS A 217 11.54 -9.80 -18.87
N ALA A 218 12.68 -9.76 -19.54
CA ALA A 218 13.33 -11.02 -19.90
C ALA A 218 13.94 -11.72 -18.71
N ASN A 219 14.01 -11.07 -17.55
CA ASN A 219 14.47 -11.73 -16.34
C ASN A 219 13.34 -12.28 -15.50
N LEU A 220 12.09 -12.13 -15.91
CA LEU A 220 10.94 -12.62 -15.16
C LEU A 220 10.35 -13.88 -15.77
N SER A 221 9.95 -14.80 -14.88
CA SER A 221 9.19 -16.00 -15.18
C SER A 221 8.61 -16.48 -13.87
N ASP A 222 7.75 -17.49 -13.95
CA ASP A 222 7.09 -17.99 -12.74
C ASP A 222 8.09 -18.41 -11.68
N GLU A 223 9.19 -19.04 -12.09
CA GLU A 223 10.16 -19.63 -11.17
C GLU A 223 11.02 -18.59 -10.46
N VAL A 224 10.89 -17.32 -10.82
CA VAL A 224 11.62 -16.28 -10.16
C VAL A 224 10.91 -15.80 -8.89
N ILE A 225 9.61 -16.05 -8.81
CA ILE A 225 8.72 -15.33 -7.91
C ILE A 225 8.75 -16.01 -6.54
N THR A 226 9.02 -15.23 -5.51
CA THR A 226 9.42 -15.66 -4.16
C THR A 226 10.77 -16.38 -4.14
N ALA A 227 11.52 -16.36 -5.23
CA ALA A 227 12.79 -17.09 -5.32
C ALA A 227 13.99 -16.19 -5.52
N ASP A 228 13.93 -15.25 -6.47
CA ASP A 228 15.08 -14.40 -6.78
C ASP A 228 14.84 -13.03 -6.19
N TYR A 229 15.37 -12.79 -4.99
CA TYR A 229 15.12 -11.54 -4.30
C TYR A 229 16.12 -10.46 -4.65
N SER A 230 16.93 -10.67 -5.67
CA SER A 230 17.64 -9.56 -6.30
C SER A 230 16.74 -8.77 -7.23
N LEU A 231 15.54 -9.29 -7.50
CA LEU A 231 14.54 -8.61 -8.33
C LEU A 231 13.47 -8.01 -7.43
N TYR A 232 13.25 -6.70 -7.55
CA TYR A 232 12.28 -6.07 -6.68
C TYR A 232 12.00 -4.66 -7.14
N SER A 233 10.85 -4.13 -6.68
CA SER A 233 10.52 -2.72 -6.78
C SER A 233 10.87 -1.99 -5.49
N SER A 234 11.34 -0.76 -5.62
CA SER A 234 11.63 0.09 -4.48
C SER A 234 10.43 0.87 -3.98
N VAL A 235 9.29 0.84 -4.69
CA VAL A 235 8.11 1.60 -4.29
C VAL A 235 6.87 0.73 -4.11
N ALA A 236 6.96 -0.59 -4.30
CA ALA A 236 5.84 -1.50 -4.22
C ALA A 236 5.45 -1.87 -2.78
N SER A 237 4.14 -1.87 -2.53
CA SER A 237 3.59 -2.25 -1.24
C SER A 237 2.30 -3.00 -1.54
N THR A 238 2.33 -4.33 -1.34
CA THR A 238 1.24 -5.22 -1.74
C THR A 238 0.71 -6.00 -0.54
N SER A 239 -0.61 -6.16 -0.48
CA SER A 239 -1.26 -6.72 0.69
C SER A 239 -2.29 -7.74 0.23
N ALA A 240 -2.16 -8.97 0.70
CA ALA A 240 -3.04 -10.05 0.26
C ALA A 240 -4.28 -10.09 1.12
N GLY A 241 -5.43 -10.35 0.49
CA GLY A 241 -6.71 -10.46 1.19
C GLY A 241 -7.61 -11.54 0.59
N ILE A 242 -8.58 -11.97 1.39
CA ILE A 242 -9.43 -13.10 1.01
C ILE A 242 -10.51 -12.72 0.02
N GLU A 243 -10.90 -11.45 -0.07
CA GLU A 243 -12.11 -11.10 -0.77
C GLU A 243 -12.04 -11.28 -2.29
N LEU A 244 -11.40 -10.36 -2.98
CA LEU A 244 -11.48 -10.31 -4.43
C LEU A 244 -10.49 -11.29 -5.10
N MET A 245 -10.61 -11.39 -6.41
CA MET A 245 -9.71 -12.15 -7.25
C MET A 245 -9.07 -11.26 -8.31
N ASN A 246 -9.31 -9.97 -8.26
CA ASN A 246 -8.56 -9.01 -9.06
C ASN A 246 -7.56 -8.31 -8.14
N ASN A 247 -6.76 -7.43 -8.72
CA ASN A 247 -5.86 -6.55 -7.98
C ASN A 247 -6.45 -5.14 -7.97
N GLU A 248 -6.50 -4.52 -6.80
CA GLU A 248 -6.85 -3.11 -6.70
C GLU A 248 -5.59 -2.33 -6.39
N ILE A 249 -5.29 -1.34 -7.23
CA ILE A 249 -4.01 -0.63 -7.26
C ILE A 249 -4.26 0.86 -7.06
N ILE A 250 -3.47 1.50 -6.20
CA ILE A 250 -3.44 2.96 -6.15
C ILE A 250 -2.00 3.40 -6.34
N VAL A 251 -1.77 4.20 -7.38
CA VAL A 251 -0.45 4.72 -7.69
C VAL A 251 -0.33 6.08 -7.04
N MET A 252 0.79 6.31 -6.35
CA MET A 252 1.01 7.56 -5.65
C MET A 252 2.34 8.12 -6.13
N GLY A 253 2.30 9.35 -6.63
CA GLY A 253 3.53 10.07 -6.90
C GLY A 253 3.34 11.57 -6.85
N ASN A 254 4.26 12.30 -7.48
CA ASN A 254 4.16 13.74 -7.58
C ASN A 254 4.01 14.17 -9.04
N SER A 255 3.30 15.27 -9.25
CA SER A 255 3.04 15.74 -10.60
C SER A 255 2.87 17.25 -10.63
N ARG A 256 3.46 17.91 -11.65
CA ARG A 256 3.20 19.32 -11.91
C ARG A 256 1.75 19.58 -12.26
N ALA A 257 1.02 18.57 -12.74
CA ALA A 257 -0.37 18.77 -13.11
C ALA A 257 -1.31 18.75 -11.92
N TRP A 258 -0.79 18.66 -10.69
CA TRP A 258 -1.63 18.62 -9.50
C TRP A 258 -1.30 19.79 -8.61
N GLY A 259 -2.35 20.37 -8.04
CA GLY A 259 -2.21 21.38 -7.04
C GLY A 259 -2.27 20.75 -5.67
N GLY A 260 -2.52 21.58 -4.68
CA GLY A 260 -2.68 21.15 -3.33
C GLY A 260 -1.41 21.40 -2.59
N ASP A 261 -1.36 20.92 -1.35
CA ASP A 261 -0.16 21.13 -0.55
C ASP A 261 0.47 19.84 -0.04
N LEU A 262 0.11 18.68 -0.59
CA LEU A 262 0.76 17.43 -0.19
C LEU A 262 1.80 17.03 -1.21
N VAL A 263 2.94 16.55 -0.72
CA VAL A 263 3.91 15.81 -1.52
C VAL A 263 4.17 14.45 -0.86
N ILE A 264 4.80 13.58 -1.63
CA ILE A 264 5.21 12.25 -1.17
C ILE A 264 6.68 12.03 -1.51
N GLY A 265 7.37 11.29 -0.65
CA GLY A 265 8.70 10.79 -0.96
C GLY A 265 8.88 9.40 -0.40
N HIS A 266 9.99 8.79 -0.76
CA HIS A 266 10.26 7.44 -0.28
C HIS A 266 11.75 7.22 -0.17
N ALA A 267 12.08 6.25 0.68
CA ALA A 267 13.39 5.63 0.75
C ALA A 267 13.19 4.12 0.89
N GLU A 268 14.30 3.40 0.85
CA GLU A 268 14.34 1.96 0.88
C GLU A 268 14.97 1.59 2.21
N MET A 269 14.19 0.96 3.09
CA MET A 269 14.77 0.37 4.29
C MET A 269 15.56 -0.86 3.89
N LYS A 270 16.84 -0.88 4.25
CA LYS A 270 17.70 -1.99 3.88
C LYS A 270 17.45 -3.19 4.77
N ASP A 271 16.95 -2.93 5.98
CA ASP A 271 16.44 -3.97 6.85
C ASP A 271 15.44 -3.32 7.80
N ALA A 272 14.93 -4.12 8.75
CA ALA A 272 13.78 -3.73 9.55
C ALA A 272 14.13 -2.70 10.62
N ILE A 273 15.40 -2.43 10.85
CA ILE A 273 15.79 -1.44 11.85
C ILE A 273 16.56 -0.29 11.20
N ASP A 274 16.31 -0.04 9.92
CA ASP A 274 17.02 1.01 9.17
C ASP A 274 16.30 2.33 9.34
N GLY A 275 16.49 2.95 10.51
CA GLY A 275 15.90 4.26 10.77
C GLY A 275 16.52 5.40 9.99
N ALA A 276 17.74 5.21 9.48
CA ALA A 276 18.32 6.24 8.63
C ALA A 276 17.53 6.38 7.33
N ALA A 277 17.06 5.27 6.77
CA ALA A 277 16.19 5.36 5.60
C ALA A 277 14.91 6.10 5.93
N VAL A 278 14.34 5.84 7.10
CA VAL A 278 13.15 6.57 7.52
C VAL A 278 13.43 8.07 7.55
N ARG A 279 14.55 8.48 8.12
CA ARG A 279 14.84 9.91 8.19
C ARG A 279 15.11 10.50 6.80
N GLN A 280 15.65 9.71 5.89
CA GLN A 280 15.90 10.18 4.54
C GLN A 280 14.60 10.44 3.80
N ALA A 281 13.59 9.55 3.97
CA ALA A 281 12.30 9.77 3.33
C ALA A 281 11.65 11.05 3.87
N LEU A 282 11.69 11.23 5.19
CA LEU A 282 11.25 12.50 5.78
C LEU A 282 12.00 13.68 5.20
N ARG A 283 13.33 13.58 5.09
CA ARG A 283 14.10 14.68 4.54
C ARG A 283 13.66 15.07 3.13
N ASP A 284 13.42 14.07 2.26
CA ASP A 284 12.99 14.33 0.90
C ASP A 284 11.67 15.07 0.84
N VAL A 285 10.85 15.02 1.89
CA VAL A 285 9.59 15.74 1.88
C VAL A 285 9.67 16.95 2.81
N GLY A 286 10.88 17.35 3.17
CA GLY A 286 11.14 18.57 3.93
C GLY A 286 10.78 18.49 5.40
N CYS A 287 10.88 17.29 5.99
CA CYS A 287 10.48 17.02 7.36
C CYS A 287 11.65 16.49 8.18
N CYS A 288 12.88 16.66 7.70
CA CYS A 288 14.04 16.33 8.51
C CYS A 288 15.27 17.05 7.97
N GLU A 289 15.33 18.37 8.13
CA GLU A 289 16.41 19.11 7.50
C GLU A 289 17.76 18.77 8.10
N ASN A 290 17.82 18.55 9.42
CA ASN A 290 19.04 18.20 10.13
C ASN A 290 19.04 16.70 10.53
N ASP A 291 19.90 16.31 11.48
CA ASP A 291 20.08 14.89 11.80
C ASP A 291 18.80 14.29 12.36
N LEU A 292 18.14 15.01 13.26
CA LEU A 292 16.94 14.57 13.90
C LEU A 292 15.78 15.49 13.55
N PRO A 293 14.62 14.94 13.24
CA PRO A 293 13.47 15.79 12.93
C PRO A 293 13.01 16.56 14.15
N THR A 294 12.50 17.75 13.91
CA THR A 294 11.94 18.64 14.90
C THR A 294 10.44 18.40 15.01
N VAL A 295 9.85 18.98 16.04
CA VAL A 295 8.43 18.79 16.28
C VAL A 295 7.60 19.44 15.17
N ASP A 296 7.99 20.63 14.72
CA ASP A 296 7.27 21.25 13.61
C ASP A 296 7.36 20.39 12.37
N GLU A 297 8.56 19.92 12.05
CA GLU A 297 8.72 19.06 10.87
C GLU A 297 7.84 17.82 10.95
N LEU A 298 7.80 17.17 12.12
CA LEU A 298 6.97 15.97 12.30
C LEU A 298 5.49 16.25 12.22
N GLY A 299 5.06 17.47 12.57
CA GLY A 299 3.67 17.89 12.42
C GLY A 299 3.21 18.03 10.99
N ARG A 300 4.13 18.08 10.04
CA ARG A 300 3.70 18.10 8.65
C ARG A 300 3.35 16.71 8.15
N VAL A 301 3.80 15.66 8.83
CA VAL A 301 3.55 14.29 8.35
C VAL A 301 2.06 13.95 8.46
N VAL A 302 1.46 13.58 7.32
CA VAL A 302 0.10 13.08 7.30
C VAL A 302 0.07 11.61 7.70
N ASN A 303 0.95 10.83 7.09
CA ASN A 303 1.15 9.43 7.44
C ASN A 303 2.45 8.95 6.82
N VAL A 304 2.92 7.80 7.33
CA VAL A 304 4.05 7.04 6.79
C VAL A 304 3.55 5.63 6.43
N PHE A 305 4.07 5.09 5.35
CA PHE A 305 3.60 3.82 4.79
C PHE A 305 4.82 2.95 4.54
N ALA A 306 4.83 1.74 5.07
CA ALA A 306 6.03 0.92 4.93
C ALA A 306 5.65 -0.54 4.88
N LYS A 307 6.60 -1.30 4.35
CA LYS A 307 6.57 -2.76 4.30
C LYS A 307 7.63 -3.32 5.23
N ALA A 308 7.30 -4.45 5.88
CA ALA A 308 8.16 -5.07 6.86
C ALA A 308 8.21 -6.57 6.59
N GLU A 309 9.38 -7.19 6.81
CA GLU A 309 9.42 -8.64 6.79
C GLU A 309 10.57 -9.16 7.66
N ALA A 310 10.43 -10.41 8.09
CA ALA A 310 11.52 -11.15 8.70
C ALA A 310 12.57 -11.51 7.66
N SER A 311 13.79 -11.05 7.87
CA SER A 311 14.89 -11.30 6.95
C SER A 311 14.92 -12.78 6.61
N PRO A 312 14.68 -13.19 5.34
CA PRO A 312 14.69 -14.63 5.04
C PRO A 312 16.05 -15.32 5.19
N ASP A 313 17.18 -14.59 5.22
CA ASP A 313 18.46 -15.21 5.56
C ASP A 313 18.61 -15.50 7.06
N GLY A 314 17.56 -15.31 7.87
CA GLY A 314 17.64 -15.61 9.28
C GLY A 314 18.39 -14.60 10.13
N GLU A 315 18.77 -13.46 9.58
CA GLU A 315 19.70 -12.57 10.29
C GLU A 315 19.33 -11.11 10.10
N VAL A 316 19.65 -10.32 11.11
CA VAL A 316 19.60 -8.86 11.02
C VAL A 316 20.95 -8.30 11.51
N ARG A 317 21.65 -7.60 10.61
CA ARG A 317 22.98 -7.06 10.90
C ARG A 317 23.87 -8.10 11.56
N ASN A 318 23.92 -9.27 10.95
CA ASN A 318 24.74 -10.40 11.37
C ASN A 318 24.40 -10.93 12.76
N ARG A 319 23.17 -10.66 13.23
CA ARG A 319 22.63 -11.31 14.42
C ARG A 319 21.46 -12.22 14.05
N ARG A 320 21.44 -13.42 14.62
CA ARG A 320 20.34 -14.34 14.39
C ARG A 320 19.04 -13.77 14.96
N HIS A 321 17.96 -13.87 14.18
CA HIS A 321 16.63 -13.55 14.68
C HIS A 321 15.80 -14.82 14.68
N THR A 322 14.72 -14.82 15.47
CA THR A 322 13.93 -16.03 15.71
C THR A 322 12.57 -15.98 15.02
N MET A 323 12.34 -14.99 14.15
CA MET A 323 11.01 -14.74 13.65
C MET A 323 10.51 -15.82 12.71
N LEU A 324 11.40 -16.56 12.06
CA LEU A 324 11.02 -17.47 10.99
C LEU A 324 10.70 -18.88 11.44
N ASP A 325 11.23 -19.31 12.58
CA ASP A 325 10.98 -20.66 13.07
C ASP A 325 10.26 -20.60 14.42
N ASP A 326 9.38 -19.61 14.54
CA ASP A 326 8.54 -19.41 15.73
C ASP A 326 7.12 -19.95 15.43
N SER A 327 6.78 -21.11 16.00
CA SER A 327 5.50 -21.75 15.65
C SER A 327 4.30 -21.11 16.33
N ASP A 328 4.54 -20.33 17.38
CA ASP A 328 3.48 -19.61 18.10
C ASP A 328 3.09 -18.30 17.44
N ILE A 329 4.06 -17.59 16.84
CA ILE A 329 3.85 -16.26 16.28
C ILE A 329 4.49 -16.19 14.90
N ASN A 330 3.64 -15.98 13.91
CA ASN A 330 4.05 -15.82 12.53
C ASN A 330 5.08 -14.70 12.35
N SER A 331 5.98 -14.91 11.40
CA SER A 331 7.08 -13.97 11.17
C SER A 331 6.56 -12.58 10.83
N THR A 332 5.48 -12.47 10.05
CA THR A 332 5.00 -11.15 9.68
C THR A 332 4.48 -10.39 10.89
N ARG A 333 4.01 -11.11 11.91
CA ARG A 333 3.55 -10.45 13.12
C ARG A 333 4.71 -9.77 13.81
N HIS A 334 5.79 -10.52 14.03
CA HIS A 334 7.06 -9.99 14.52
C HIS A 334 7.54 -8.80 13.70
N ALA A 335 7.66 -9.00 12.39
CA ALA A 335 8.22 -7.98 11.52
C ALA A 335 7.40 -6.69 11.57
N ARG A 336 6.07 -6.77 11.52
CA ARG A 336 5.28 -5.54 11.59
C ARG A 336 5.51 -4.82 12.92
N ALA A 337 5.65 -5.57 14.01
CA ALA A 337 5.83 -4.94 15.30
C ALA A 337 7.11 -4.14 15.30
N VAL A 338 8.13 -4.69 14.64
CA VAL A 338 9.46 -4.09 14.64
C VAL A 338 9.43 -2.80 13.85
N VAL A 339 8.96 -2.87 12.61
CA VAL A 339 9.14 -1.75 11.70
C VAL A 339 8.23 -0.61 12.12
N ASN A 340 7.04 -0.91 12.61
CA ASN A 340 6.22 0.18 13.13
C ASN A 340 6.89 0.80 14.34
N ALA A 341 7.57 0.00 15.17
CA ALA A 341 8.20 0.55 16.35
C ALA A 341 9.34 1.50 15.96
N VAL A 342 10.13 1.11 14.97
CA VAL A 342 11.23 1.93 14.51
C VAL A 342 10.70 3.27 13.96
N ILE A 343 9.73 3.20 13.08
CA ILE A 343 9.16 4.42 12.52
C ILE A 343 8.49 5.27 13.60
N ALA A 344 7.67 4.64 14.45
CA ALA A 344 6.99 5.39 15.49
C ALA A 344 7.99 6.14 16.35
N SER A 345 9.11 5.50 16.70
CA SER A 345 10.07 6.18 17.56
C SER A 345 10.75 7.34 16.88
N ILE A 346 10.78 7.37 15.54
CA ILE A 346 11.41 8.47 14.84
C ILE A 346 10.42 9.60 14.61
N VAL A 347 9.19 9.28 14.21
CA VAL A 347 8.20 10.32 13.96
C VAL A 347 7.35 10.59 15.19
N GLY A 348 7.58 9.88 16.31
CA GLY A 348 6.85 10.13 17.53
C GLY A 348 5.37 9.83 17.46
N ASP A 349 4.98 8.88 16.61
CA ASP A 349 3.57 8.59 16.42
C ASP A 349 3.44 7.12 16.00
N PRO A 350 2.87 6.27 16.87
CA PRO A 350 2.62 4.88 16.48
C PRO A 350 1.50 4.68 15.48
N MET A 351 0.73 5.71 15.12
CA MET A 351 -0.33 5.53 14.13
C MET A 351 0.25 5.72 12.73
N VAL A 352 0.91 4.66 12.25
CA VAL A 352 1.45 4.65 10.90
C VAL A 352 1.16 3.30 10.26
N TYR A 353 1.09 3.30 8.92
CA TYR A 353 0.75 2.09 8.16
C TYR A 353 2.00 1.25 7.97
N VAL A 354 2.00 0.04 8.53
CA VAL A 354 3.06 -0.92 8.33
C VAL A 354 2.40 -2.27 7.99
N SER A 355 2.74 -2.78 6.82
CA SER A 355 2.14 -3.95 6.21
C SER A 355 3.22 -5.01 6.07
N GLY A 356 2.88 -6.23 6.43
CA GLY A 356 3.85 -7.32 6.44
C GLY A 356 3.95 -8.08 5.14
N GLY A 357 5.14 -8.62 4.91
CA GLY A 357 5.32 -9.49 3.76
C GLY A 357 5.81 -8.74 2.54
N SER A 358 7.13 -8.62 2.38
CA SER A 358 7.69 -7.71 1.38
C SER A 358 8.46 -8.47 0.30
N GLU A 359 7.94 -9.62 -0.14
CA GLU A 359 8.49 -10.34 -1.27
C GLU A 359 8.60 -9.42 -2.51
N HIS A 360 9.82 -9.26 -3.01
CA HIS A 360 10.12 -8.38 -4.14
C HIS A 360 9.72 -6.91 -3.87
N GLN A 361 9.65 -6.48 -2.62
CA GLN A 361 9.38 -5.08 -2.26
C GLN A 361 10.55 -4.63 -1.39
N GLY A 362 11.46 -3.85 -1.98
CA GLY A 362 12.73 -3.59 -1.37
C GLY A 362 13.62 -4.81 -1.41
N PRO A 363 14.82 -4.69 -0.85
CA PRO A 363 15.72 -5.84 -0.74
C PRO A 363 15.19 -6.85 0.27
N ALA A 364 15.72 -8.07 0.25
CA ALA A 364 15.25 -9.07 1.19
C ALA A 364 15.45 -8.56 2.62
N GLY A 365 14.44 -8.74 3.45
CA GLY A 365 14.52 -8.30 4.82
C GLY A 365 14.26 -6.83 5.00
N GLY A 366 13.95 -6.14 3.91
CA GLY A 366 13.72 -4.72 3.93
C GLY A 366 12.46 -4.39 3.18
N GLY A 367 12.27 -3.13 2.85
CA GLY A 367 11.07 -2.71 2.20
C GLY A 367 11.01 -1.21 2.05
N PRO A 368 10.06 -0.72 1.27
CA PRO A 368 9.95 0.73 1.05
C PRO A 368 9.35 1.43 2.26
N VAL A 369 9.75 2.68 2.45
CA VAL A 369 9.09 3.56 3.41
C VAL A 369 8.77 4.88 2.69
N ALA A 370 7.50 5.23 2.63
CA ALA A 370 7.03 6.45 1.97
C ALA A 370 6.38 7.37 3.00
N VAL A 371 6.50 8.67 2.77
CA VAL A 371 5.91 9.70 3.62
C VAL A 371 5.07 10.62 2.76
N ILE A 372 3.84 10.85 3.17
CA ILE A 372 3.04 11.92 2.60
C ILE A 372 3.03 13.05 3.63
N ALA A 373 3.40 14.25 3.18
CA ALA A 373 3.55 15.37 4.10
C ALA A 373 3.03 16.66 3.48
N ARG A 374 2.59 17.56 4.37
CA ARG A 374 2.22 18.90 3.97
C ARG A 374 3.49 19.73 3.71
N THR A 375 3.39 20.64 2.75
CA THR A 375 4.52 21.48 2.34
C THR A 375 4.85 22.59 3.32
N ALA A 376 3.93 22.94 4.24
CA ALA A 376 4.25 23.95 5.28
C ALA A 376 3.93 23.51 6.73
#